data_9MPC
#
_entry.id   9MPC
#
_cell.length_a   118.702
_cell.length_b   118.702
_cell.length_c   194.418
_cell.angle_alpha   90.000
_cell.angle_beta   90.000
_cell.angle_gamma   90.000
#
_symmetry.space_group_name_H-M   'I 4 2 2'
#
loop_
_entity.id
_entity.type
_entity.pdbx_description
1 polymer 'Fab heavy chain'
2 polymer 'Fab light chain'
3 non-polymer GLYCEROL
#
loop_
_entity_poly.entity_id
_entity_poly.type
_entity_poly.pdbx_seq_one_letter_code
_entity_poly.pdbx_strand_id
1 'polypeptide(L)'
;QVQLVQSGAEVKKPGASVKLSCKASGYTFSIYAITWVRQAPGQGLEWMGGIIPLVGITNYAQKFQGRVTITADTSTTTAY
MELSSLRSEDTAVYYCSRGLGPSIETEDD(TYS)D(TYS)SYTSEYNLLHVWGRGVLVTVSSASTKGPSVFPLAPSSKST
SGGTAALGCLVKDYFPEPVTVSWNSGALTSGVHTFPAVLQSSGLYSLSSVVTVPSSSLGTQTYICNVNHKPSNTKVDKKV
EPKSC
;
H
2 'polypeptide(L)'
;QAALTQPRSVSESPGQSVTFSCTGTSSDIGGYNYVSWFQQHPETAPKLMIYEVSKRPSGVSDRFSGSKSGNTASLTISGL
QAEDEADYYCSSYADSNTLVFGGGTRLTVLGQPKAAPSVTLFPPSSEELQANKATLVCLISDFYPGAVTVAWKADSSPVK
AGVETTTPSKQSNNKYAASSYLSLTPEQWKSHRSYSCQVTHEGSTVEKTVAPTECS
;
L
#
loop_
_chem_comp.id
_chem_comp.type
_chem_comp.name
_chem_comp.formula
GOL non-polymer GLYCEROL 'C3 H8 O3'
#
# COMPACT_ATOMS: atom_id res chain seq x y z
N VAL A 2 -21.53 14.24 1.57
CA VAL A 2 -21.41 14.08 0.09
C VAL A 2 -19.95 13.84 -0.30
N GLN A 3 -19.05 14.68 0.21
CA GLN A 3 -17.64 14.56 -0.13
C GLN A 3 -16.76 15.06 1.00
N LEU A 4 -15.57 14.50 1.09
CA LEU A 4 -14.51 14.96 1.99
C LEU A 4 -13.27 15.19 1.15
N VAL A 5 -13.03 16.46 0.79
CA VAL A 5 -11.90 16.82 -0.06
C VAL A 5 -10.64 16.86 0.82
N GLN A 6 -9.72 15.93 0.58
CA GLN A 6 -8.48 15.87 1.33
C GLN A 6 -7.36 16.60 0.58
N SER A 7 -6.31 16.92 1.31
CA SER A 7 -5.20 17.69 0.77
C SER A 7 -4.43 16.85 -0.26
N GLY A 8 -3.35 17.43 -0.77
CA GLY A 8 -2.48 16.72 -1.68
C GLY A 8 -1.60 15.70 -0.97
N ALA A 9 -0.36 15.53 -1.45
CA ALA A 9 0.61 14.65 -0.82
C ALA A 9 1.68 15.48 -0.13
N GLU A 10 2.08 15.07 1.07
CA GLU A 10 3.02 15.83 1.88
C GLU A 10 4.13 14.91 2.37
N VAL A 11 5.36 15.43 2.35
CA VAL A 11 6.54 14.71 2.84
C VAL A 11 7.25 15.60 3.85
N LYS A 12 7.63 15.03 4.98
CA LYS A 12 8.20 15.78 6.10
C LYS A 12 9.43 15.06 6.64
N LYS A 13 10.30 15.84 7.26
CA LYS A 13 11.47 15.27 7.92
C LYS A 13 11.11 14.83 9.33
N PRO A 14 11.91 13.92 9.90
CA PRO A 14 11.65 13.49 11.28
C PRO A 14 11.71 14.67 12.24
N GLY A 15 10.86 14.62 13.26
CA GLY A 15 10.77 15.68 14.23
C GLY A 15 9.98 16.90 13.81
N ALA A 16 9.55 16.95 12.55
CA ALA A 16 8.81 18.11 12.04
C ALA A 16 7.34 17.98 12.40
N SER A 17 6.51 18.84 11.80
CA SER A 17 5.07 18.80 12.00
C SER A 17 4.37 18.75 10.65
N VAL A 18 3.20 18.12 10.63
CA VAL A 18 2.34 18.06 9.45
C VAL A 18 0.92 18.34 9.89
N LYS A 19 0.22 19.20 9.14
CA LYS A 19 -1.17 19.54 9.42
C LYS A 19 -2.00 19.20 8.21
N LEU A 20 -2.88 18.19 8.36
CA LEU A 20 -3.73 17.75 7.27
C LEU A 20 -5.09 18.46 7.36
N SER A 21 -5.69 18.66 6.19
CA SER A 21 -6.98 19.34 6.09
C SER A 21 -7.98 18.44 5.38
N CYS A 22 -9.23 18.47 5.87
CA CYS A 22 -10.31 17.63 5.36
C CYS A 22 -11.52 18.53 5.16
N LYS A 23 -11.72 19.00 3.93
CA LYS A 23 -12.78 19.96 3.62
C LYS A 23 -14.00 19.22 3.11
N ALA A 24 -15.15 19.47 3.75
CA ALA A 24 -16.38 18.75 3.46
C ALA A 24 -17.34 19.63 2.65
N SER A 25 -18.21 18.96 1.89
CA SER A 25 -19.20 19.64 1.06
C SER A 25 -20.40 18.73 0.86
N GLY A 26 -21.59 19.33 0.84
CA GLY A 26 -22.81 18.61 0.58
C GLY A 26 -23.66 18.33 1.81
N TYR A 27 -23.14 18.56 3.01
CA TYR A 27 -23.90 18.36 4.24
C TYR A 27 -23.58 19.49 5.20
N THR A 28 -24.34 19.55 6.29
CA THR A 28 -24.09 20.54 7.34
C THR A 28 -22.86 20.08 8.13
N PHE A 29 -21.77 20.83 8.01
CA PHE A 29 -20.48 20.38 8.52
C PHE A 29 -20.48 20.25 10.04
N SER A 30 -21.04 21.23 10.75
CA SER A 30 -20.77 21.37 12.17
C SER A 30 -21.28 20.18 12.98
N ILE A 31 -22.50 19.71 12.69
CA ILE A 31 -23.13 18.72 13.56
C ILE A 31 -22.49 17.34 13.39
N TYR A 32 -22.13 16.98 12.16
CA TYR A 32 -21.53 15.68 11.91
C TYR A 32 -20.10 15.61 12.45
N ALA A 33 -19.72 14.45 12.96
CA ALA A 33 -18.42 14.26 13.57
C ALA A 33 -17.44 13.67 12.57
N ILE A 34 -16.20 14.15 12.62
CA ILE A 34 -15.14 13.74 11.70
C ILE A 34 -14.02 13.09 12.50
N THR A 35 -13.65 11.87 12.12
CA THR A 35 -12.56 11.14 12.74
C THR A 35 -11.47 10.89 11.71
N TRP A 36 -10.24 10.74 12.19
CA TRP A 36 -9.07 10.54 11.36
C TRP A 36 -8.56 9.12 11.55
N VAL A 37 -8.48 8.37 10.45
CA VAL A 37 -7.99 7.00 10.45
C VAL A 37 -6.72 6.95 9.62
N ARG A 38 -5.68 6.35 10.17
CA ARG A 38 -4.37 6.26 9.54
C ARG A 38 -4.07 4.81 9.19
N GLN A 39 -3.42 4.60 8.04
CA GLN A 39 -3.08 3.26 7.58
C GLN A 39 -1.66 3.28 7.03
N ALA A 40 -0.72 2.72 7.80
CA ALA A 40 0.66 2.68 7.37
C ALA A 40 0.81 1.79 6.14
N PRO A 41 1.80 2.07 5.28
CA PRO A 41 1.95 1.30 4.04
C PRO A 41 1.95 -0.20 4.28
N GLY A 42 1.00 -0.90 3.66
CA GLY A 42 0.89 -2.34 3.86
C GLY A 42 0.59 -2.73 5.29
N GLN A 43 -0.31 -2.01 5.94
CA GLN A 43 -0.62 -2.25 7.35
C GLN A 43 -2.10 -2.00 7.58
N GLY A 44 -2.58 -2.43 8.75
CA GLY A 44 -3.98 -2.27 9.08
C GLY A 44 -4.35 -0.84 9.42
N LEU A 45 -5.65 -0.56 9.34
CA LEU A 45 -6.16 0.75 9.69
C LEU A 45 -5.93 1.04 11.18
N GLU A 46 -5.70 2.31 11.49
CA GLU A 46 -5.46 2.75 12.85
C GLU A 46 -6.29 3.98 13.15
N TRP A 47 -6.89 4.02 14.34
CA TRP A 47 -7.72 5.15 14.73
C TRP A 47 -6.89 6.17 15.49
N MET A 48 -7.07 7.44 15.15
CA MET A 48 -6.34 8.54 15.78
C MET A 48 -7.24 9.38 16.67
N GLY A 49 -8.32 9.92 16.12
CA GLY A 49 -9.20 10.76 16.91
C GLY A 49 -10.33 11.32 16.05
N GLY A 50 -11.01 12.30 16.62
CA GLY A 50 -12.12 12.93 15.92
C GLY A 50 -12.50 14.21 16.63
N ILE A 51 -13.48 14.90 16.04
CA ILE A 51 -13.94 16.18 16.59
C ILE A 51 -15.36 16.41 16.12
N ILE A 52 -16.16 17.03 17.00
CA ILE A 52 -17.48 17.53 16.63
C ILE A 52 -17.35 19.04 16.42
N PRO A 53 -17.36 19.52 15.17
CA PRO A 53 -17.00 20.93 14.94
C PRO A 53 -17.87 21.93 15.72
N LEU A 54 -19.17 21.66 15.85
CA LEU A 54 -20.07 22.65 16.44
C LEU A 54 -19.65 23.00 17.86
N VAL A 55 -19.31 21.99 18.67
CA VAL A 55 -18.89 22.20 20.06
C VAL A 55 -17.40 22.04 20.24
N GLY A 56 -16.65 21.71 19.19
CA GLY A 56 -15.21 21.63 19.29
C GLY A 56 -14.70 20.66 20.33
N ILE A 57 -15.30 19.49 20.43
CA ILE A 57 -14.90 18.47 21.40
C ILE A 57 -14.05 17.43 20.68
N THR A 58 -12.86 17.18 21.21
CA THR A 58 -11.91 16.26 20.61
C THR A 58 -11.73 15.02 21.48
N ASN A 59 -11.61 13.87 20.84
CA ASN A 59 -11.35 12.60 21.51
C ASN A 59 -10.19 11.92 20.81
N TYR A 60 -9.02 11.92 21.44
CA TYR A 60 -7.81 11.37 20.86
C TYR A 60 -7.59 9.93 21.29
N ALA A 61 -6.62 9.29 20.66
CA ALA A 61 -6.14 7.98 21.05
C ALA A 61 -4.86 8.13 21.87
N GLN A 62 -4.75 7.33 22.94
CA GLN A 62 -3.61 7.48 23.83
C GLN A 62 -2.29 7.34 23.08
N LYS A 63 -2.29 6.58 21.97
CA LYS A 63 -1.07 6.40 21.19
C LYS A 63 -0.57 7.72 20.59
N PHE A 64 -1.42 8.75 20.54
CA PHE A 64 -1.06 10.02 19.93
C PHE A 64 -1.28 11.21 20.85
N GLN A 65 -1.54 10.99 22.14
CA GLN A 65 -1.76 12.10 23.06
C GLN A 65 -0.53 12.98 23.14
N GLY A 66 -0.74 14.29 23.09
CA GLY A 66 0.34 15.26 23.17
C GLY A 66 0.79 15.77 21.82
N ARG A 67 0.76 14.90 20.80
CA ARG A 67 1.18 15.25 19.46
C ARG A 67 0.02 15.62 18.55
N VAL A 68 -1.00 14.76 18.46
CA VAL A 68 -2.11 15.01 17.55
C VAL A 68 -2.99 16.13 18.10
N THR A 69 -3.51 16.96 17.20
CA THR A 69 -4.35 18.10 17.59
C THR A 69 -5.40 18.30 16.49
N ILE A 70 -6.57 17.71 16.69
CA ILE A 70 -7.67 17.78 15.72
C ILE A 70 -8.46 19.06 15.97
N THR A 71 -8.66 19.84 14.92
CA THR A 71 -9.36 21.11 15.00
C THR A 71 -10.33 21.22 13.83
N ALA A 72 -11.07 22.32 13.78
CA ALA A 72 -12.02 22.55 12.70
C ALA A 72 -12.50 24.00 12.66
N ASP A 73 -12.43 24.62 11.49
CA ASP A 73 -12.92 25.98 11.28
C ASP A 73 -14.19 25.88 10.44
N THR A 74 -15.34 25.92 11.10
CA THR A 74 -16.61 25.81 10.37
C THR A 74 -16.83 26.99 9.44
N SER A 75 -16.08 28.08 9.60
CA SER A 75 -16.12 29.16 8.63
C SER A 75 -15.87 28.64 7.23
N THR A 76 -15.00 27.65 7.11
CA THR A 76 -14.66 27.04 5.83
C THR A 76 -15.01 25.56 5.78
N THR A 77 -15.72 25.04 6.79
CA THR A 77 -16.14 23.64 6.83
C THR A 77 -14.96 22.70 6.55
N THR A 78 -13.83 23.00 7.20
CA THR A 78 -12.63 22.20 7.07
C THR A 78 -12.15 21.76 8.45
N ALA A 79 -11.75 20.49 8.55
CA ALA A 79 -11.18 19.94 9.78
C ALA A 79 -9.70 19.64 9.55
N TYR A 80 -8.88 19.94 10.55
CA TYR A 80 -7.43 19.80 10.46
C TYR A 80 -6.93 18.88 11.56
N MET A 81 -6.01 17.99 11.19
CA MET A 81 -5.36 17.08 12.13
C MET A 81 -3.85 17.28 11.99
N GLU A 82 -3.26 17.94 12.98
CA GLU A 82 -1.83 18.24 12.98
C GLU A 82 -1.12 17.23 13.87
N LEU A 83 -0.13 16.55 13.31
CA LEU A 83 0.68 15.58 14.04
C LEU A 83 2.08 16.15 14.21
N SER A 84 2.49 16.35 15.45
CA SER A 84 3.79 16.94 15.77
C SER A 84 4.77 15.86 16.22
N SER A 85 6.05 16.17 16.12
CA SER A 85 7.12 15.23 16.45
C SER A 85 7.06 14.02 15.52
N LEU A 86 6.94 14.30 14.22
CA LEU A 86 6.79 13.23 13.24
C LEU A 86 7.94 12.24 13.36
N ARG A 87 7.66 10.99 12.95
CA ARG A 87 8.63 9.92 13.04
C ARG A 87 8.67 9.16 11.73
N SER A 88 9.80 8.50 11.48
CA SER A 88 9.88 7.61 10.33
C SER A 88 8.79 6.56 10.37
N GLU A 89 8.37 6.16 11.58
CA GLU A 89 7.30 5.18 11.73
C GLU A 89 5.92 5.79 11.50
N ASP A 90 5.80 7.12 11.53
CA ASP A 90 4.52 7.78 11.28
C ASP A 90 4.14 7.82 9.81
N THR A 91 5.04 7.43 8.90
CA THR A 91 4.69 7.39 7.49
C THR A 91 3.48 6.49 7.28
N ALA A 92 2.46 7.02 6.62
CA ALA A 92 1.21 6.29 6.41
C ALA A 92 0.28 7.15 5.58
N VAL A 93 -0.84 6.54 5.17
CA VAL A 93 -1.91 7.23 4.47
C VAL A 93 -2.95 7.66 5.49
N TYR A 94 -3.32 8.94 5.46
CA TYR A 94 -4.19 9.53 6.46
C TYR A 94 -5.57 9.76 5.86
N TYR A 95 -6.60 9.20 6.49
CA TYR A 95 -7.98 9.33 6.05
C TYR A 95 -8.78 10.13 7.08
N CYS A 96 -9.81 10.81 6.59
CA CYS A 96 -10.82 11.43 7.44
C CYS A 96 -12.17 10.86 7.03
N SER A 97 -12.98 10.48 8.02
CA SER A 97 -14.28 9.89 7.77
C SER A 97 -15.36 10.62 8.53
N ARG A 98 -16.54 10.69 7.94
CA ARG A 98 -17.70 11.32 8.53
C ARG A 98 -18.75 10.25 8.83
N GLY A 99 -19.46 10.42 9.95
CA GLY A 99 -20.41 9.43 10.38
C GLY A 99 -21.62 9.33 9.47
N LEU A 100 -22.43 8.30 9.72
CA LEU A 100 -23.66 8.12 8.97
C LEU A 100 -24.68 9.21 9.29
N GLY A 101 -24.76 9.62 10.55
CA GLY A 101 -25.72 10.61 10.97
C GLY A 101 -25.12 11.60 11.96
N PRO A 102 -25.86 12.68 12.25
CA PRO A 102 -25.30 13.74 13.09
C PRO A 102 -24.98 13.25 14.49
N SER A 103 -23.94 13.84 15.08
CA SER A 103 -23.55 13.57 16.46
C SER A 103 -24.13 14.59 17.44
N ILE A 104 -24.68 15.70 16.95
CA ILE A 104 -25.34 16.70 17.77
C ILE A 104 -26.67 17.04 17.11
N GLU A 105 -27.73 17.08 17.90
CA GLU A 105 -29.06 17.30 17.36
C GLU A 105 -29.83 18.29 18.22
N THR A 106 -30.49 19.24 17.56
CA THR A 106 -31.51 20.03 18.25
C THR A 106 -32.72 19.13 18.52
N GLU A 107 -33.34 19.31 19.69
CA GLU A 107 -34.23 18.28 20.23
C GLU A 107 -35.65 18.77 20.49
N ASP A 108 -36.03 19.94 19.95
CA ASP A 108 -37.13 20.77 20.46
C ASP A 108 -36.58 21.61 21.61
N ASP A 109 -37.20 22.74 21.93
CA ASP A 109 -36.59 23.59 22.95
C ASP A 109 -35.27 24.11 22.35
N TYS A 110 -35.14 23.90 21.04
CA TYS A 110 -33.95 24.15 20.23
CB TYS A 110 -34.07 25.51 19.52
CG TYS A 110 -34.78 25.37 18.20
CD1 TYS A 110 -36.12 25.74 18.07
CD2 TYS A 110 -34.15 24.86 17.07
CE1 TYS A 110 -36.80 25.61 16.87
CE2 TYS A 110 -34.81 24.73 15.86
CZ TYS A 110 -36.14 25.10 15.75
OH TYS A 110 -36.81 24.96 14.56
S TYS A 110 -36.88 26.25 13.48
O1 TYS A 110 -36.89 25.63 12.15
O2 TYS A 110 -35.68 27.04 13.75
O3 TYS A 110 -38.14 26.86 13.87
C TYS A 110 -32.60 24.09 20.97
O TYS A 110 -31.60 24.61 20.48
N ASP A 111 -32.57 23.43 22.12
CA ASP A 111 -31.33 23.18 22.84
C ASP A 111 -30.64 21.96 22.24
N TYS A 112 -29.32 21.87 22.41
CA TYS A 112 -28.55 20.79 21.81
CB TYS A 112 -27.10 21.21 21.62
CG TYS A 112 -26.89 22.21 20.52
CD1 TYS A 112 -27.12 21.86 19.19
CD2 TYS A 112 -26.45 23.50 20.79
CE1 TYS A 112 -26.93 22.77 18.17
CE2 TYS A 112 -26.25 24.42 19.78
CZ TYS A 112 -26.50 24.06 18.47
OH TYS A 112 -26.29 24.99 17.47
S TYS A 112 -27.59 25.40 16.50
O1 TYS A 112 -28.68 25.67 17.42
O2 TYS A 112 -27.80 24.26 15.62
O3 TYS A 112 -27.02 26.59 15.85
C TYS A 112 -28.61 19.51 22.63
O TYS A 112 -28.76 19.54 23.85
N SER A 113 -28.49 18.38 21.95
CA SER A 113 -28.47 17.07 22.58
C SER A 113 -27.62 16.11 21.77
N TYR A 114 -26.58 15.58 22.39
CA TYR A 114 -25.66 14.70 21.69
C TYR A 114 -26.30 13.34 21.45
N THR A 115 -26.26 12.87 20.20
CA THR A 115 -26.65 11.51 19.92
C THR A 115 -25.62 10.55 20.52
N SER A 116 -25.90 9.25 20.43
CA SER A 116 -25.15 8.25 21.16
C SER A 116 -24.29 7.41 20.23
N GLU A 117 -22.98 7.46 20.43
CA GLU A 117 -22.01 6.48 19.95
C GLU A 117 -22.37 5.93 18.58
N TYR A 118 -22.62 6.83 17.64
CA TYR A 118 -23.04 6.42 16.31
C TYR A 118 -21.89 5.70 15.60
N ASN A 119 -22.14 5.30 14.35
CA ASN A 119 -21.20 4.46 13.64
C ASN A 119 -19.89 5.19 13.33
N LEU A 120 -19.97 6.40 12.79
CA LEU A 120 -18.87 7.35 12.76
C LEU A 120 -17.83 7.13 11.65
N LEU A 121 -17.89 6.03 10.84
CA LEU A 121 -16.98 5.90 9.67
C LEU A 121 -17.78 5.46 8.44
N HIS A 122 -18.31 6.43 7.70
CA HIS A 122 -19.13 6.13 6.54
C HIS A 122 -18.63 6.81 5.28
N VAL A 123 -18.36 8.11 5.32
CA VAL A 123 -17.88 8.87 4.18
C VAL A 123 -16.39 9.11 4.37
N TRP A 124 -15.58 8.58 3.46
CA TRP A 124 -14.13 8.64 3.56
C TRP A 124 -13.57 9.64 2.57
N GLY A 125 -12.42 10.20 2.91
CA GLY A 125 -11.68 11.03 1.99
C GLY A 125 -10.67 10.23 1.19
N ARG A 126 -10.17 10.85 0.12
CA ARG A 126 -9.24 10.16 -0.76
C ARG A 126 -7.97 9.75 -0.04
N GLY A 127 -7.64 10.40 1.06
CA GLY A 127 -6.42 10.07 1.78
C GLY A 127 -5.24 10.90 1.33
N VAL A 128 -4.28 11.06 2.24
CA VAL A 128 -3.05 11.79 1.98
C VAL A 128 -1.88 10.95 2.48
N LEU A 129 -0.84 10.84 1.68
CA LEU A 129 0.36 10.12 2.07
C LEU A 129 1.34 11.09 2.72
N VAL A 130 1.81 10.73 3.91
CA VAL A 130 2.78 11.54 4.65
C VAL A 130 3.98 10.65 4.90
N THR A 131 4.98 10.74 4.01
CA THR A 131 6.22 9.98 4.14
C THR A 131 7.17 10.79 5.01
N VAL A 132 7.39 10.33 6.24
CA VAL A 132 8.30 10.99 7.16
C VAL A 132 9.64 10.26 7.08
N SER A 133 10.62 10.90 6.44
CA SER A 133 11.96 10.34 6.37
C SER A 133 12.96 11.48 6.26
N SER A 134 14.20 11.20 6.66
CA SER A 134 15.27 12.19 6.60
C SER A 134 15.97 12.23 5.25
N ALA A 135 15.71 11.27 4.37
CA ALA A 135 16.30 11.30 3.04
C ALA A 135 15.80 12.53 2.29
N SER A 136 16.73 13.25 1.69
CA SER A 136 16.40 14.46 0.94
C SER A 136 16.24 14.14 -0.54
N THR A 137 15.72 15.11 -1.28
CA THR A 137 15.47 14.92 -2.70
C THR A 137 16.77 14.57 -3.42
N LYS A 138 16.74 13.52 -4.24
CA LYS A 138 17.91 13.09 -4.98
C LYS A 138 17.48 12.52 -6.33
N GLY A 139 18.27 12.82 -7.36
CA GLY A 139 18.02 12.32 -8.69
C GLY A 139 18.52 10.90 -8.86
N PRO A 140 17.87 10.14 -9.73
CA PRO A 140 18.28 8.75 -9.94
C PRO A 140 19.61 8.65 -10.67
N SER A 141 20.30 7.54 -10.42
CA SER A 141 21.51 7.19 -11.16
C SER A 141 21.14 6.03 -12.07
N VAL A 142 20.99 6.33 -13.36
CA VAL A 142 20.55 5.32 -14.32
C VAL A 142 21.73 4.46 -14.73
N PHE A 143 21.57 3.14 -14.60
CA PHE A 143 22.59 2.20 -15.00
C PHE A 143 22.02 1.24 -16.03
N PRO A 144 22.74 0.96 -17.12
CA PRO A 144 22.19 0.06 -18.15
C PRO A 144 22.28 -1.40 -17.74
N LEU A 145 21.21 -2.13 -18.06
CA LEU A 145 21.14 -3.59 -17.85
C LEU A 145 21.23 -4.23 -19.22
N ALA A 146 22.46 -4.49 -19.68
CA ALA A 146 22.66 -4.97 -21.03
C ALA A 146 22.14 -6.40 -21.19
N PRO A 147 21.75 -6.79 -22.42
CA PRO A 147 21.26 -8.13 -22.74
C PRO A 147 22.38 -9.15 -22.88
N THR A 156 14.80 -13.85 -28.93
CA THR A 156 14.37 -13.53 -27.57
C THR A 156 15.53 -13.01 -26.72
N ALA A 157 15.61 -11.69 -26.58
CA ALA A 157 16.62 -11.04 -25.74
C ALA A 157 15.95 -10.00 -24.88
N ALA A 158 16.47 -9.83 -23.65
CA ALA A 158 15.88 -8.92 -22.68
C ALA A 158 16.93 -7.94 -22.19
N LEU A 159 16.52 -6.68 -22.08
CA LEU A 159 17.38 -5.61 -21.58
C LEU A 159 16.51 -4.58 -20.87
N GLY A 160 17.14 -3.78 -20.02
CA GLY A 160 16.39 -2.79 -19.27
C GLY A 160 17.27 -1.75 -18.64
N CYS A 161 16.64 -0.86 -17.88
CA CYS A 161 17.32 0.22 -17.18
C CYS A 161 17.11 0.06 -15.68
N LEU A 162 18.17 0.32 -14.92
CA LEU A 162 18.12 0.31 -13.46
C LEU A 162 18.15 1.75 -12.97
N VAL A 163 17.11 2.14 -12.23
CA VAL A 163 16.99 3.47 -11.67
C VAL A 163 17.19 3.33 -10.16
N LYS A 164 18.38 3.70 -9.69
CA LYS A 164 18.77 3.40 -8.31
C LYS A 164 19.03 4.69 -7.53
N ASP A 165 18.81 4.60 -6.22
CA ASP A 165 19.16 5.65 -5.27
C ASP A 165 18.53 6.99 -5.65
N TYR A 166 17.20 7.02 -5.63
CA TYR A 166 16.44 8.23 -5.87
C TYR A 166 15.37 8.40 -4.80
N PHE A 167 14.91 9.64 -4.64
CA PHE A 167 13.90 9.97 -3.64
C PHE A 167 13.37 11.38 -3.91
N PRO A 168 12.06 11.60 -3.74
CA PRO A 168 11.01 10.64 -3.41
C PRO A 168 10.30 10.15 -4.66
N GLU A 169 9.18 9.45 -4.51
CA GLU A 169 8.43 8.96 -5.65
C GLU A 169 7.84 10.11 -6.45
N PRO A 170 7.55 9.89 -7.74
CA PRO A 170 7.88 8.71 -8.56
C PRO A 170 8.91 9.03 -9.65
N VAL A 171 9.31 8.03 -10.43
CA VAL A 171 10.11 8.23 -11.62
C VAL A 171 9.40 7.55 -12.79
N THR A 172 9.34 8.25 -13.92
CA THR A 172 8.66 7.75 -15.11
C THR A 172 9.70 7.30 -16.13
N VAL A 173 9.55 6.08 -16.63
CA VAL A 173 10.50 5.49 -17.57
C VAL A 173 9.77 5.19 -18.88
N SER A 174 10.34 5.64 -19.99
CA SER A 174 9.78 5.40 -21.31
C SER A 174 10.91 5.07 -22.27
N TRP A 175 10.72 4.01 -23.06
CA TRP A 175 11.76 3.52 -23.97
C TRP A 175 11.62 4.16 -25.34
N ASN A 176 12.77 4.45 -25.96
CA ASN A 176 12.82 5.08 -27.28
C ASN A 176 11.98 6.36 -27.30
N SER A 177 12.02 7.11 -26.20
CA SER A 177 11.26 8.34 -26.06
C SER A 177 9.80 8.11 -26.42
N GLY A 178 9.21 7.05 -25.87
CA GLY A 178 7.82 6.72 -26.08
C GLY A 178 7.52 5.85 -27.27
N ALA A 179 8.53 5.50 -28.07
CA ALA A 179 8.28 4.68 -29.25
C ALA A 179 8.04 3.22 -28.89
N LEU A 180 9.03 2.57 -28.31
CA LEU A 180 8.92 1.16 -27.95
C LEU A 180 7.97 1.01 -26.76
N THR A 181 6.81 0.39 -27.00
CA THR A 181 5.79 0.24 -25.97
C THR A 181 5.19 -1.16 -26.02
N SER A 182 6.01 -2.16 -26.32
CA SER A 182 5.55 -3.55 -26.41
C SER A 182 6.46 -4.42 -25.56
N GLY A 183 5.84 -5.26 -24.73
CA GLY A 183 6.62 -6.17 -23.90
C GLY A 183 7.56 -5.46 -22.94
N VAL A 184 7.08 -4.41 -22.27
CA VAL A 184 7.88 -3.60 -21.37
C VAL A 184 7.27 -3.68 -19.99
N HIS A 185 8.06 -4.10 -19.00
CA HIS A 185 7.64 -4.13 -17.61
C HIS A 185 8.36 -3.01 -16.86
N THR A 186 7.60 -2.25 -16.07
CA THR A 186 8.15 -1.21 -15.21
C THR A 186 7.79 -1.60 -13.77
N PHE A 187 8.72 -2.29 -13.10
CA PHE A 187 8.44 -2.89 -11.81
C PHE A 187 8.29 -1.82 -10.73
N PRO A 188 7.63 -2.16 -9.63
CA PRO A 188 7.54 -1.23 -8.51
C PRO A 188 8.91 -0.96 -7.90
N ALA A 189 9.07 0.22 -7.32
CA ALA A 189 10.31 0.57 -6.67
C ALA A 189 10.43 -0.16 -5.33
N VAL A 190 11.68 -0.26 -4.85
CA VAL A 190 11.98 -0.90 -3.57
C VAL A 190 12.68 0.13 -2.70
N LEU A 191 12.14 0.36 -1.50
CA LEU A 191 12.74 1.29 -0.54
C LEU A 191 13.76 0.54 0.28
N GLN A 192 15.04 0.87 0.07
CA GLN A 192 16.12 0.18 0.76
C GLN A 192 16.36 0.81 2.13
N SER A 193 17.25 0.18 2.90
CA SER A 193 17.55 0.64 4.25
C SER A 193 18.21 2.01 4.27
N SER A 194 18.68 2.51 3.12
CA SER A 194 19.22 3.86 3.03
C SER A 194 18.14 4.92 2.86
N GLY A 195 16.88 4.52 2.70
CA GLY A 195 15.79 5.46 2.53
C GLY A 195 15.55 5.95 1.12
N LEU A 196 16.31 5.46 0.15
CA LEU A 196 16.19 5.87 -1.25
C LEU A 196 15.59 4.74 -2.07
N TYR A 197 14.57 5.06 -2.85
CA TYR A 197 13.91 4.05 -3.67
C TYR A 197 14.78 3.68 -4.86
N SER A 198 14.63 2.43 -5.31
CA SER A 198 15.31 1.93 -6.50
C SER A 198 14.29 1.17 -7.33
N LEU A 199 14.28 1.43 -8.64
CA LEU A 199 13.30 0.89 -9.55
C LEU A 199 13.98 0.32 -10.79
N SER A 200 13.32 -0.64 -11.43
CA SER A 200 13.86 -1.30 -12.61
C SER A 200 12.83 -1.32 -13.72
N SER A 201 13.32 -1.26 -14.96
CA SER A 201 12.45 -1.30 -16.13
C SER A 201 13.16 -2.07 -17.24
N VAL A 202 12.49 -3.09 -17.78
CA VAL A 202 13.06 -3.97 -18.80
C VAL A 202 12.09 -4.11 -19.95
N VAL A 203 12.62 -4.54 -21.09
CA VAL A 203 11.83 -4.79 -22.29
C VAL A 203 12.22 -6.14 -22.86
N THR A 204 11.34 -6.70 -23.68
CA THR A 204 11.57 -7.96 -24.38
C THR A 204 11.57 -7.66 -25.88
N VAL A 205 12.72 -7.86 -26.52
CA VAL A 205 12.89 -7.47 -27.91
C VAL A 205 13.54 -8.62 -28.66
N PRO A 206 13.37 -8.68 -29.98
CA PRO A 206 13.97 -9.76 -30.77
C PRO A 206 15.48 -9.78 -30.63
N SER A 207 16.04 -10.99 -30.60
CA SER A 207 17.49 -11.14 -30.48
C SER A 207 18.22 -10.57 -31.68
N SER A 208 17.61 -10.63 -32.86
CA SER A 208 18.27 -10.15 -34.07
C SER A 208 18.48 -8.64 -34.05
N SER A 209 17.57 -7.90 -33.40
CA SER A 209 17.60 -6.44 -33.41
C SER A 209 18.54 -5.85 -32.37
N LEU A 210 19.22 -6.67 -31.57
CA LEU A 210 20.14 -6.15 -30.56
C LEU A 210 21.15 -5.19 -31.19
N GLY A 211 21.78 -5.61 -32.28
CA GLY A 211 22.80 -4.82 -32.94
C GLY A 211 22.31 -3.83 -33.97
N THR A 212 21.00 -3.80 -34.24
CA THR A 212 20.46 -2.93 -35.28
C THR A 212 19.56 -1.82 -34.73
N GLN A 213 18.75 -2.11 -33.72
CA GLN A 213 17.84 -1.12 -33.14
C GLN A 213 18.41 -0.61 -31.83
N THR A 214 18.52 0.71 -31.71
CA THR A 214 19.05 1.34 -30.51
C THR A 214 17.92 1.55 -29.51
N TYR A 215 18.14 1.13 -28.27
CA TYR A 215 17.15 1.23 -27.21
C TYR A 215 17.60 2.27 -26.19
N ILE A 216 16.76 3.29 -25.98
CA ILE A 216 17.04 4.36 -25.03
C ILE A 216 15.89 4.45 -24.05
N CYS A 217 16.20 4.53 -22.76
CA CYS A 217 15.20 4.66 -21.71
C CYS A 217 15.24 6.08 -21.17
N ASN A 218 14.11 6.78 -21.24
CA ASN A 218 14.00 8.14 -20.74
C ASN A 218 13.49 8.07 -19.30
N VAL A 219 14.34 8.47 -18.36
CA VAL A 219 13.97 8.51 -16.94
C VAL A 219 13.73 9.97 -16.57
N ASN A 220 12.55 10.25 -16.03
CA ASN A 220 12.19 11.57 -15.55
C ASN A 220 11.93 11.51 -14.06
N HIS A 221 12.34 12.57 -13.35
CA HIS A 221 12.11 12.68 -11.91
C HIS A 221 11.77 14.14 -11.62
N LYS A 222 10.47 14.44 -11.56
CA LYS A 222 10.04 15.79 -11.25
C LYS A 222 10.55 16.26 -9.88
N PRO A 223 10.51 15.45 -8.82
CA PRO A 223 10.97 15.95 -7.51
C PRO A 223 12.37 16.53 -7.52
N SER A 224 13.29 15.92 -8.28
CA SER A 224 14.66 16.42 -8.39
C SER A 224 14.90 17.17 -9.70
N ASN A 225 13.86 17.38 -10.50
CA ASN A 225 14.00 18.09 -11.78
C ASN A 225 15.10 17.47 -12.63
N THR A 226 15.09 16.15 -12.73
CA THR A 226 16.10 15.40 -13.46
C THR A 226 15.43 14.58 -14.56
N LYS A 227 15.98 14.67 -15.77
CA LYS A 227 15.58 13.82 -16.89
C LYS A 227 16.82 13.19 -17.48
N VAL A 228 16.79 11.87 -17.67
CA VAL A 228 17.95 11.11 -18.12
C VAL A 228 17.56 10.29 -19.34
N ASP A 229 18.46 10.21 -20.31
CA ASP A 229 18.33 9.32 -21.46
C ASP A 229 19.51 8.38 -21.47
N LYS A 230 19.24 7.08 -21.49
CA LYS A 230 20.28 6.06 -21.38
C LYS A 230 20.16 5.09 -22.55
N LYS A 231 21.31 4.61 -23.03
CA LYS A 231 21.37 3.66 -24.12
C LYS A 231 21.82 2.30 -23.61
N VAL A 232 21.10 1.25 -23.98
CA VAL A 232 21.43 -0.11 -23.59
C VAL A 232 21.84 -0.87 -24.83
N GLU A 233 23.08 -1.36 -24.85
CA GLU A 233 23.62 -2.12 -25.97
C GLU A 233 24.33 -3.36 -25.44
N PRO A 234 24.37 -4.44 -26.24
CA PRO A 234 25.04 -5.68 -25.86
C PRO A 234 26.53 -5.48 -25.55
N ALA B 3 -8.09 -5.38 20.86
CA ALA B 3 -7.49 -6.51 20.18
C ALA B 3 -7.98 -6.60 18.73
N LEU B 4 -9.17 -7.17 18.54
CA LEU B 4 -9.76 -7.36 17.21
C LEU B 4 -8.84 -8.17 16.31
N THR B 5 -8.67 -9.44 16.71
CA THR B 5 -7.85 -10.37 15.96
C THR B 5 -8.65 -10.98 14.81
N GLN B 6 -8.05 -11.04 13.64
CA GLN B 6 -8.68 -11.58 12.44
C GLN B 6 -7.77 -12.59 11.77
N PRO B 7 -8.33 -13.53 11.01
CA PRO B 7 -7.48 -14.44 10.24
C PRO B 7 -6.63 -13.67 9.25
N ARG B 8 -5.40 -14.14 9.05
CA ARG B 8 -4.46 -13.41 8.22
C ARG B 8 -4.97 -13.27 6.79
N SER B 9 -5.53 -14.34 6.24
CA SER B 9 -6.10 -14.28 4.90
C SER B 9 -7.06 -15.44 4.71
N VAL B 10 -7.96 -15.28 3.74
CA VAL B 10 -8.96 -16.28 3.40
C VAL B 10 -9.10 -16.32 1.88
N SER B 11 -9.23 -17.53 1.34
CA SER B 11 -9.40 -17.75 -0.09
C SER B 11 -10.56 -18.70 -0.33
N GLU B 12 -11.25 -18.49 -1.45
CA GLU B 12 -12.38 -19.34 -1.82
C GLU B 12 -12.62 -19.22 -3.31
N SER B 13 -13.41 -20.16 -3.83
CA SER B 13 -13.78 -20.18 -5.24
C SER B 13 -14.98 -19.28 -5.48
N PRO B 14 -15.11 -18.76 -6.71
CA PRO B 14 -16.30 -17.96 -7.03
C PRO B 14 -17.58 -18.79 -6.88
N GLY B 15 -18.64 -18.13 -6.45
CA GLY B 15 -19.90 -18.79 -6.23
C GLY B 15 -20.00 -19.57 -4.93
N GLN B 16 -18.96 -19.56 -4.11
CA GLN B 16 -18.94 -20.27 -2.85
C GLN B 16 -18.92 -19.28 -1.69
N SER B 17 -19.71 -19.56 -0.66
CA SER B 17 -19.76 -18.69 0.50
C SER B 17 -18.39 -18.59 1.15
N VAL B 18 -18.11 -17.44 1.75
CA VAL B 18 -16.87 -17.21 2.48
C VAL B 18 -17.18 -16.29 3.66
N THR B 19 -16.57 -16.60 4.81
CA THR B 19 -16.83 -15.87 6.04
C THR B 19 -15.51 -15.44 6.67
N PHE B 20 -15.59 -14.40 7.49
CA PHE B 20 -14.44 -13.87 8.22
C PHE B 20 -14.79 -13.81 9.70
N SER B 21 -13.76 -13.94 10.54
CA SER B 21 -13.93 -13.89 11.98
C SER B 21 -13.23 -12.65 12.55
N CYS B 22 -13.82 -12.10 13.61
CA CYS B 22 -13.35 -10.87 14.25
C CYS B 22 -13.46 -11.07 15.76
N THR B 23 -12.35 -11.49 16.37
CA THR B 23 -12.32 -11.81 17.79
C THR B 23 -11.94 -10.59 18.61
N GLY B 24 -12.60 -10.42 19.76
CA GLY B 24 -12.32 -9.29 20.62
C GLY B 24 -12.58 -9.59 22.08
N THR B 25 -12.48 -8.56 22.93
CA THR B 25 -12.65 -8.73 24.36
C THR B 25 -14.10 -8.40 24.76
N SER B 26 -14.35 -8.38 26.07
CA SER B 26 -15.71 -8.12 26.55
C SER B 26 -16.15 -6.69 26.27
N SER B 27 -15.22 -5.73 26.37
CA SER B 27 -15.53 -4.33 26.14
C SER B 27 -15.37 -3.90 24.69
N ASP B 28 -14.87 -4.79 23.82
CA ASP B 28 -14.64 -4.43 22.42
C ASP B 28 -15.84 -4.79 21.54
N ILE B 29 -16.14 -6.08 21.43
CA ILE B 29 -17.17 -6.54 20.50
C ILE B 29 -18.44 -6.89 21.26
N GLY B 30 -18.34 -7.84 22.19
CA GLY B 30 -19.48 -8.16 23.03
C GLY B 30 -19.96 -7.01 23.87
N GLY B 31 -19.11 -6.01 24.11
CA GLY B 31 -19.52 -4.87 24.91
C GLY B 31 -20.58 -4.03 24.25
N TYR B 32 -20.45 -3.79 22.95
CA TYR B 32 -21.38 -2.93 22.23
C TYR B 32 -21.67 -3.52 20.85
N ASN B 33 -22.88 -3.24 20.36
CA ASN B 33 -23.31 -3.70 19.04
C ASN B 33 -23.05 -2.62 17.99
N TYR B 34 -21.78 -2.30 17.80
CA TYR B 34 -21.33 -1.35 16.77
C TYR B 34 -20.13 -1.90 16.04
N VAL B 35 -20.22 -3.17 15.63
CA VAL B 35 -19.17 -3.83 14.86
C VAL B 35 -19.49 -3.66 13.38
N SER B 36 -18.51 -3.16 12.63
CA SER B 36 -18.70 -2.90 11.21
C SER B 36 -17.51 -3.42 10.41
N TRP B 37 -17.78 -3.85 9.18
CA TRP B 37 -16.79 -4.44 8.30
C TRP B 37 -16.54 -3.52 7.12
N PHE B 38 -15.27 -3.41 6.71
CA PHE B 38 -14.86 -2.54 5.61
C PHE B 38 -14.16 -3.35 4.53
N GLN B 39 -14.38 -2.95 3.28
CA GLN B 39 -13.74 -3.58 2.13
C GLN B 39 -12.81 -2.56 1.49
N GLN B 40 -11.51 -2.87 1.44
CA GLN B 40 -10.51 -1.98 0.89
C GLN B 40 -9.77 -2.69 -0.25
N HIS B 41 -9.87 -2.13 -1.45
CA HIS B 41 -9.05 -2.55 -2.56
C HIS B 41 -7.71 -1.84 -2.52
N PRO B 42 -6.69 -2.38 -3.18
CA PRO B 42 -5.36 -1.76 -3.12
C PRO B 42 -5.42 -0.30 -3.61
N GLU B 43 -4.70 0.56 -2.89
CA GLU B 43 -4.55 1.96 -3.28
C GLU B 43 -5.88 2.70 -3.33
N THR B 44 -6.83 2.31 -2.48
CA THR B 44 -8.13 2.96 -2.41
C THR B 44 -8.58 3.05 -0.97
N ALA B 45 -9.45 4.02 -0.69
CA ALA B 45 -10.00 4.18 0.65
C ALA B 45 -10.94 3.03 0.98
N PRO B 46 -10.96 2.60 2.23
CA PRO B 46 -11.85 1.50 2.64
C PRO B 46 -13.31 1.90 2.48
N LYS B 47 -14.15 0.88 2.25
CA LYS B 47 -15.58 1.07 2.07
C LYS B 47 -16.32 0.27 3.13
N LEU B 48 -17.37 0.88 3.68
CA LEU B 48 -18.16 0.25 4.74
C LEU B 48 -19.16 -0.72 4.13
N MET B 49 -19.07 -2.00 4.51
CA MET B 49 -19.96 -3.04 4.02
C MET B 49 -21.07 -3.38 5.01
N ILE B 50 -20.76 -3.52 6.29
CA ILE B 50 -21.73 -3.82 7.33
C ILE B 50 -21.52 -2.86 8.48
N TYR B 51 -22.61 -2.42 9.09
CA TYR B 51 -22.54 -1.55 10.26
C TYR B 51 -23.59 -1.99 11.28
N GLU B 52 -23.33 -1.65 12.53
CA GLU B 52 -24.18 -2.09 13.65
C GLU B 52 -24.37 -3.61 13.61
N VAL B 53 -23.27 -4.32 13.36
CA VAL B 53 -23.20 -5.78 13.50
C VAL B 53 -23.71 -6.49 12.26
N SER B 54 -24.94 -6.19 11.84
CA SER B 54 -25.54 -6.88 10.71
C SER B 54 -26.28 -5.99 9.72
N LYS B 55 -26.29 -4.68 9.92
CA LYS B 55 -26.89 -3.79 8.92
C LYS B 55 -26.00 -3.71 7.69
N ARG B 56 -26.62 -3.44 6.55
CA ARG B 56 -25.92 -3.34 5.28
C ARG B 56 -26.25 -2.00 4.64
N PRO B 57 -25.33 -1.03 4.62
CA PRO B 57 -25.66 0.30 4.10
C PRO B 57 -26.14 0.24 2.66
N SER B 58 -26.82 1.30 2.25
CA SER B 58 -27.38 1.34 0.90
C SER B 58 -26.30 1.16 -0.15
N GLY B 59 -26.60 0.35 -1.16
CA GLY B 59 -25.69 0.09 -2.25
C GLY B 59 -24.85 -1.15 -2.09
N VAL B 60 -24.79 -1.73 -0.89
CA VAL B 60 -24.03 -2.96 -0.67
C VAL B 60 -24.85 -4.14 -1.17
N SER B 61 -24.20 -5.00 -1.96
CA SER B 61 -24.88 -6.19 -2.47
C SER B 61 -25.37 -7.04 -1.32
N ASP B 62 -26.54 -7.65 -1.49
CA ASP B 62 -27.11 -8.49 -0.45
C ASP B 62 -26.25 -9.70 -0.13
N ARG B 63 -25.17 -9.94 -0.89
CA ARG B 63 -24.28 -11.06 -0.58
C ARG B 63 -23.63 -10.90 0.78
N PHE B 64 -23.14 -9.70 1.08
CA PHE B 64 -22.45 -9.45 2.34
C PHE B 64 -23.45 -9.46 3.49
N SER B 65 -23.13 -10.22 4.54
CA SER B 65 -24.01 -10.34 5.70
C SER B 65 -23.16 -10.41 6.96
N GLY B 66 -23.52 -9.63 7.96
CA GLY B 66 -22.80 -9.60 9.22
C GLY B 66 -23.55 -10.32 10.32
N SER B 67 -22.79 -10.93 11.23
CA SER B 67 -23.36 -11.64 12.37
C SER B 67 -22.48 -11.37 13.59
N LYS B 68 -22.92 -11.89 14.73
CA LYS B 68 -22.18 -11.71 15.98
C LYS B 68 -22.63 -12.76 16.97
N SER B 69 -21.66 -13.41 17.63
CA SER B 69 -21.94 -14.42 18.66
C SER B 69 -20.89 -14.26 19.75
N GLY B 70 -21.21 -13.49 20.78
CA GLY B 70 -20.28 -13.28 21.87
C GLY B 70 -19.27 -12.21 21.52
N ASN B 71 -17.99 -12.54 21.67
CA ASN B 71 -16.90 -11.60 21.43
C ASN B 71 -16.37 -11.66 19.99
N THR B 72 -16.99 -12.46 19.13
CA THR B 72 -16.56 -12.62 17.75
C THR B 72 -17.68 -12.24 16.80
N ALA B 73 -17.35 -11.45 15.78
CA ALA B 73 -18.24 -11.12 14.69
C ALA B 73 -17.84 -11.90 13.45
N SER B 74 -18.69 -11.83 12.43
CA SER B 74 -18.44 -12.57 11.20
C SER B 74 -18.99 -11.81 10.01
N LEU B 75 -18.23 -11.81 8.91
CA LEU B 75 -18.66 -11.26 7.64
C LEU B 75 -18.70 -12.39 6.62
N THR B 76 -19.85 -12.57 5.98
CA THR B 76 -20.08 -13.66 5.05
C THR B 76 -20.42 -13.12 3.67
N ILE B 77 -19.69 -13.58 2.66
CA ILE B 77 -19.87 -13.15 1.28
C ILE B 77 -20.30 -14.37 0.49
N SER B 78 -21.61 -14.56 0.33
CA SER B 78 -22.12 -15.64 -0.48
C SER B 78 -22.10 -15.27 -1.96
N GLY B 79 -21.96 -16.28 -2.81
CA GLY B 79 -21.84 -16.04 -4.24
C GLY B 79 -20.58 -15.25 -4.57
N LEU B 80 -19.45 -15.69 -4.03
CA LEU B 80 -18.21 -14.94 -4.15
C LEU B 80 -17.86 -14.67 -5.62
N GLN B 81 -17.46 -13.43 -5.89
CA GLN B 81 -17.12 -12.98 -7.23
C GLN B 81 -15.68 -12.50 -7.26
N ALA B 82 -15.20 -12.20 -8.48
CA ALA B 82 -13.85 -11.69 -8.65
C ALA B 82 -13.72 -10.27 -8.09
N GLU B 83 -14.78 -9.46 -8.22
CA GLU B 83 -14.73 -8.09 -7.71
C GLU B 83 -14.65 -8.05 -6.18
N ASP B 84 -14.87 -9.17 -5.50
CA ASP B 84 -14.78 -9.24 -4.05
C ASP B 84 -13.36 -9.51 -3.55
N GLU B 85 -12.35 -9.25 -4.38
CA GLU B 85 -10.97 -9.49 -4.01
C GLU B 85 -10.39 -8.21 -3.41
N ALA B 86 -10.20 -8.22 -2.10
CA ALA B 86 -9.68 -7.05 -1.39
C ALA B 86 -9.52 -7.42 0.09
N ASP B 87 -8.95 -6.49 0.84
CA ASP B 87 -8.80 -6.67 2.29
C ASP B 87 -10.07 -6.25 3.00
N TYR B 88 -10.42 -6.98 4.06
CA TYR B 88 -11.61 -6.72 4.84
C TYR B 88 -11.23 -6.50 6.30
N TYR B 89 -11.66 -5.37 6.86
CA TYR B 89 -11.40 -5.01 8.24
C TYR B 89 -12.70 -4.96 9.02
N CYS B 90 -12.65 -5.36 10.28
CA CYS B 90 -13.76 -5.17 11.21
C CYS B 90 -13.42 -4.03 12.17
N SER B 91 -14.47 -3.41 12.68
CA SER B 91 -14.32 -2.27 13.59
C SER B 91 -15.40 -2.36 14.66
N SER B 92 -15.14 -1.68 15.78
CA SER B 92 -16.09 -1.72 16.88
C SER B 92 -15.72 -0.67 17.90
N TYR B 93 -16.74 -0.08 18.53
CA TYR B 93 -16.49 0.86 19.62
C TYR B 93 -15.90 0.12 20.81
N ALA B 94 -15.47 0.88 21.80
CA ALA B 94 -14.91 0.29 23.02
C ALA B 94 -15.09 1.28 24.16
N ASP B 95 -15.04 0.75 25.39
CA ASP B 95 -15.16 1.60 26.56
C ASP B 95 -14.08 2.68 26.52
N SER B 96 -14.37 3.81 27.18
CA SER B 96 -13.53 5.00 27.16
C SER B 96 -13.65 5.79 25.87
N ASN B 97 -14.72 5.57 25.10
CA ASN B 97 -14.94 6.29 23.85
C ASN B 97 -13.75 6.13 22.91
N THR B 98 -13.53 4.90 22.49
CA THR B 98 -12.41 4.57 21.62
C THR B 98 -12.89 3.71 20.46
N LEU B 99 -12.08 3.64 19.41
CA LEU B 99 -12.37 2.86 18.24
C LEU B 99 -11.20 1.92 17.94
N VAL B 100 -11.49 0.64 17.78
CA VAL B 100 -10.48 -0.38 17.59
C VAL B 100 -10.68 -1.02 16.23
N PHE B 101 -9.58 -1.45 15.61
CA PHE B 101 -9.59 -2.05 14.29
C PHE B 101 -9.01 -3.46 14.34
N GLY B 102 -9.37 -4.26 13.34
CA GLY B 102 -8.79 -5.57 13.16
C GLY B 102 -7.59 -5.55 12.23
N GLY B 103 -6.86 -6.66 12.21
CA GLY B 103 -5.68 -6.75 11.38
C GLY B 103 -5.99 -6.66 9.90
N GLY B 104 -7.03 -7.38 9.46
CA GLY B 104 -7.41 -7.38 8.06
C GLY B 104 -7.19 -8.72 7.40
N THR B 105 -8.18 -9.19 6.65
CA THR B 105 -8.12 -10.48 5.98
C THR B 105 -8.00 -10.25 4.48
N ARG B 106 -7.09 -10.98 3.84
CA ARG B 106 -6.85 -10.86 2.41
C ARG B 106 -7.65 -11.94 1.69
N LEU B 107 -8.78 -11.55 1.10
CA LEU B 107 -9.66 -12.47 0.40
C LEU B 107 -9.25 -12.55 -1.06
N THR B 108 -8.89 -13.76 -1.51
CA THR B 108 -8.48 -14.01 -2.89
C THR B 108 -9.46 -14.97 -3.53
N VAL B 109 -9.92 -14.62 -4.73
CA VAL B 109 -10.80 -15.47 -5.53
C VAL B 109 -9.95 -16.14 -6.59
N LEU B 110 -9.95 -17.47 -6.62
CA LEU B 110 -9.10 -18.25 -7.51
C LEU B 110 -9.71 -18.31 -8.92
N GLY B 111 -9.82 -17.14 -9.55
CA GLY B 111 -10.45 -17.01 -10.83
C GLY B 111 -9.56 -17.18 -12.04
N GLN B 112 -8.30 -17.58 -11.84
CA GLN B 112 -7.34 -17.73 -12.92
C GLN B 112 -6.59 -19.05 -12.78
N PRO B 113 -6.08 -19.58 -13.89
CA PRO B 113 -5.25 -20.79 -13.81
C PRO B 113 -3.85 -20.47 -13.28
N LYS B 114 -3.20 -21.50 -12.77
CA LYS B 114 -1.85 -21.35 -12.23
C LYS B 114 -0.86 -21.07 -13.36
N ALA B 115 -0.15 -19.95 -13.28
CA ALA B 115 0.87 -19.58 -14.25
C ALA B 115 2.20 -19.38 -13.52
N ALA B 116 3.21 -20.15 -13.93
CA ALA B 116 4.50 -20.08 -13.27
C ALA B 116 5.16 -18.73 -13.56
N PRO B 117 6.00 -18.25 -12.66
CA PRO B 117 6.62 -16.93 -12.84
C PRO B 117 7.68 -16.95 -13.93
N SER B 118 7.91 -15.77 -14.51
CA SER B 118 8.95 -15.55 -15.50
C SER B 118 10.05 -14.73 -14.85
N VAL B 119 11.23 -15.35 -14.68
CA VAL B 119 12.31 -14.76 -13.90
C VAL B 119 13.47 -14.42 -14.82
N THR B 120 13.96 -13.19 -14.71
CA THR B 120 15.17 -12.73 -15.40
C THR B 120 16.13 -12.16 -14.38
N LEU B 121 17.42 -12.45 -14.55
CA LEU B 121 18.45 -12.02 -13.61
C LEU B 121 19.50 -11.19 -14.34
N PHE B 122 19.81 -10.02 -13.78
CA PHE B 122 20.79 -9.11 -14.33
C PHE B 122 21.95 -8.92 -13.35
N PRO B 123 23.19 -9.10 -13.77
CA PRO B 123 24.32 -8.89 -12.87
C PRO B 123 24.59 -7.41 -12.68
N PRO B 124 25.52 -7.05 -11.79
CA PRO B 124 25.88 -5.64 -11.64
C PRO B 124 26.50 -5.10 -12.91
N SER B 125 26.00 -3.96 -13.38
CA SER B 125 26.54 -3.35 -14.58
C SER B 125 27.91 -2.73 -14.30
N SER B 126 28.82 -2.90 -15.25
CA SER B 126 30.17 -2.36 -15.08
C SER B 126 30.14 -0.87 -14.79
N GLU B 127 29.17 -0.14 -15.37
CA GLU B 127 29.02 1.26 -15.04
C GLU B 127 28.66 1.44 -13.57
N GLU B 128 27.80 0.55 -13.04
CA GLU B 128 27.48 0.60 -11.62
C GLU B 128 28.68 0.19 -10.76
N LEU B 129 29.42 -0.85 -11.19
CA LEU B 129 30.57 -1.30 -10.42
C LEU B 129 31.60 -0.19 -10.26
N GLN B 130 31.75 0.66 -11.28
CA GLN B 130 32.64 1.81 -11.15
C GLN B 130 32.21 2.75 -10.04
N ALA B 131 30.95 2.66 -9.61
CA ALA B 131 30.42 3.48 -8.53
C ALA B 131 30.57 2.81 -7.17
N ASN B 132 31.24 1.66 -7.10
CA ASN B 132 31.47 0.95 -5.84
C ASN B 132 30.21 0.28 -5.32
N LYS B 133 29.32 -0.13 -6.23
CA LYS B 133 28.08 -0.81 -5.87
C LYS B 133 27.83 -1.93 -6.86
N ALA B 134 27.48 -3.11 -6.35
CA ALA B 134 27.20 -4.29 -7.17
C ALA B 134 25.79 -4.76 -6.83
N THR B 135 24.81 -4.30 -7.59
CA THR B 135 23.40 -4.63 -7.35
C THR B 135 22.96 -5.68 -8.36
N LEU B 136 22.54 -6.84 -7.86
CA LEU B 136 21.94 -7.86 -8.69
C LEU B 136 20.43 -7.65 -8.70
N VAL B 137 19.85 -7.62 -9.89
CA VAL B 137 18.42 -7.35 -10.07
C VAL B 137 17.76 -8.62 -10.59
N CYS B 138 16.80 -9.13 -9.82
CA CYS B 138 16.01 -10.29 -10.20
C CYS B 138 14.57 -9.85 -10.43
N LEU B 139 14.03 -10.14 -11.61
CA LEU B 139 12.74 -9.65 -12.03
C LEU B 139 11.78 -10.83 -12.22
N ILE B 140 10.63 -10.76 -11.56
CA ILE B 140 9.60 -11.79 -11.62
C ILE B 140 8.34 -11.16 -12.22
N SER B 141 7.77 -11.83 -13.22
CA SER B 141 6.62 -11.27 -13.92
C SER B 141 5.76 -12.40 -14.50
N ASP B 142 4.49 -12.07 -14.74
CA ASP B 142 3.55 -12.95 -15.44
C ASP B 142 3.35 -14.27 -14.71
N PHE B 143 2.81 -14.18 -13.51
CA PHE B 143 2.49 -15.37 -12.71
C PHE B 143 1.20 -15.14 -11.95
N TYR B 144 0.56 -16.26 -11.56
CA TYR B 144 -0.67 -16.24 -10.78
C TYR B 144 -0.76 -17.54 -9.98
N PRO B 145 -1.18 -17.48 -8.71
CA PRO B 145 -1.57 -16.28 -7.94
C PRO B 145 -0.36 -15.47 -7.50
N GLY B 146 -0.58 -14.22 -7.06
CA GLY B 146 0.51 -13.34 -6.72
C GLY B 146 1.21 -13.66 -5.42
N ALA B 147 1.76 -14.87 -5.32
CA ALA B 147 2.52 -15.28 -4.14
C ALA B 147 3.75 -16.06 -4.60
N VAL B 148 4.93 -15.52 -4.32
CA VAL B 148 6.19 -16.17 -4.68
C VAL B 148 7.20 -15.96 -3.55
N THR B 149 8.20 -16.83 -3.52
CA THR B 149 9.29 -16.75 -2.55
C THR B 149 10.62 -16.75 -3.28
N VAL B 150 11.49 -15.81 -2.94
CA VAL B 150 12.75 -15.60 -3.63
C VAL B 150 13.90 -15.87 -2.66
N ALA B 151 14.85 -16.70 -3.09
CA ALA B 151 16.03 -17.04 -2.30
C ALA B 151 17.27 -16.82 -3.14
N TRP B 152 18.25 -16.12 -2.58
CA TRP B 152 19.49 -15.79 -3.27
C TRP B 152 20.58 -16.78 -2.90
N LYS B 153 21.25 -17.33 -3.92
CA LYS B 153 22.33 -18.29 -3.75
C LYS B 153 23.61 -17.74 -4.36
N ALA B 154 24.70 -17.81 -3.60
CA ALA B 154 26.03 -17.46 -4.08
C ALA B 154 26.91 -18.69 -3.99
N ASP B 155 27.34 -19.21 -5.14
CA ASP B 155 28.05 -20.48 -5.20
C ASP B 155 27.21 -21.61 -4.60
N SER B 156 25.91 -21.59 -4.90
CA SER B 156 24.94 -22.56 -4.40
C SER B 156 24.76 -22.50 -2.88
N SER B 157 25.39 -21.51 -2.22
CA SER B 157 25.24 -21.30 -0.78
C SER B 157 24.26 -20.17 -0.52
N PRO B 158 23.31 -20.33 0.40
CA PRO B 158 22.33 -19.27 0.65
C PRO B 158 23.00 -18.02 1.20
N VAL B 159 22.42 -16.87 0.85
CA VAL B 159 22.91 -15.58 1.32
C VAL B 159 21.69 -14.68 1.54
N LYS B 160 21.42 -14.34 2.80
CA LYS B 160 20.31 -13.45 3.14
C LYS B 160 20.76 -12.03 3.44
N ALA B 161 22.05 -11.74 3.31
CA ALA B 161 22.55 -10.41 3.61
C ALA B 161 22.19 -9.43 2.48
N GLY B 162 21.60 -8.30 2.85
CA GLY B 162 21.34 -7.23 1.92
C GLY B 162 20.43 -7.57 0.76
N VAL B 163 19.29 -8.21 1.05
CA VAL B 163 18.32 -8.56 0.03
C VAL B 163 17.00 -7.85 0.36
N GLU B 164 16.46 -7.13 -0.62
CA GLU B 164 15.16 -6.49 -0.51
C GLU B 164 14.33 -6.85 -1.73
N THR B 165 13.11 -7.34 -1.51
CA THR B 165 12.22 -7.76 -2.58
C THR B 165 10.90 -7.03 -2.44
N THR B 166 10.41 -6.46 -3.55
CA THR B 166 9.16 -5.73 -3.52
C THR B 166 7.97 -6.69 -3.43
N THR B 167 6.87 -6.18 -2.90
CA THR B 167 5.66 -7.00 -2.79
C THR B 167 5.01 -7.15 -4.17
N PRO B 168 4.41 -8.31 -4.46
CA PRO B 168 3.79 -8.50 -5.79
C PRO B 168 2.65 -7.51 -6.01
N SER B 169 2.46 -7.17 -7.29
CA SER B 169 1.40 -6.23 -7.66
C SER B 169 0.52 -6.81 -8.76
N LYS B 170 -0.41 -6.01 -9.27
CA LYS B 170 -1.32 -6.42 -10.33
C LYS B 170 -0.83 -5.86 -11.66
N GLN B 171 -0.68 -6.73 -12.65
CA GLN B 171 -0.29 -6.30 -13.99
C GLN B 171 -1.54 -5.98 -14.82
N SER B 172 -1.30 -5.44 -16.02
CA SER B 172 -2.41 -5.15 -16.92
C SER B 172 -3.17 -6.41 -17.30
N ASN B 173 -2.46 -7.53 -17.44
CA ASN B 173 -3.06 -8.81 -17.78
C ASN B 173 -3.51 -9.60 -16.55
N ASN B 174 -3.73 -8.92 -15.43
CA ASN B 174 -4.20 -9.52 -14.18
C ASN B 174 -3.21 -10.50 -13.58
N LYS B 175 -1.99 -10.58 -14.12
CA LYS B 175 -0.93 -11.36 -13.51
C LYS B 175 -0.32 -10.54 -12.37
N TYR B 176 0.81 -11.00 -11.84
CA TYR B 176 1.48 -10.32 -10.73
C TYR B 176 2.95 -10.12 -11.08
N ALA B 177 3.54 -9.07 -10.49
CA ALA B 177 4.92 -8.71 -10.74
C ALA B 177 5.65 -8.44 -9.43
N ALA B 178 6.95 -8.74 -9.43
CA ALA B 178 7.79 -8.49 -8.26
C ALA B 178 9.25 -8.52 -8.69
N SER B 179 10.08 -7.79 -7.95
CA SER B 179 11.50 -7.69 -8.24
C SER B 179 12.29 -7.82 -6.94
N SER B 180 13.44 -8.50 -7.01
CA SER B 180 14.31 -8.70 -5.86
C SER B 180 15.71 -8.22 -6.20
N TYR B 181 16.30 -7.44 -5.29
CA TYR B 181 17.60 -6.84 -5.51
C TYR B 181 18.59 -7.34 -4.46
N LEU B 182 19.71 -7.89 -4.90
CA LEU B 182 20.79 -8.33 -4.03
C LEU B 182 21.92 -7.30 -4.13
N SER B 183 22.12 -6.52 -3.07
CA SER B 183 23.09 -5.44 -3.05
C SER B 183 24.39 -5.95 -2.45
N LEU B 184 25.42 -6.08 -3.26
CA LEU B 184 26.73 -6.55 -2.83
C LEU B 184 27.77 -5.46 -3.05
N THR B 185 28.87 -5.57 -2.31
CA THR B 185 30.03 -4.75 -2.58
C THR B 185 30.75 -5.27 -3.83
N PRO B 186 31.50 -4.40 -4.51
CA PRO B 186 32.21 -4.86 -5.71
C PRO B 186 33.11 -6.05 -5.45
N GLU B 187 33.78 -6.08 -4.29
CA GLU B 187 34.63 -7.23 -3.96
C GLU B 187 33.80 -8.51 -3.85
N GLN B 188 32.65 -8.43 -3.16
CA GLN B 188 31.84 -9.61 -2.94
C GLN B 188 31.31 -10.18 -4.25
N TRP B 189 30.84 -9.32 -5.15
CA TRP B 189 30.31 -9.79 -6.42
C TRP B 189 31.34 -10.61 -7.17
N LYS B 190 32.62 -10.23 -7.08
CA LYS B 190 33.70 -10.94 -7.75
C LYS B 190 34.29 -12.06 -6.91
N SER B 191 33.90 -12.18 -5.64
CA SER B 191 34.47 -13.21 -4.78
C SER B 191 33.81 -14.58 -4.94
N HIS B 192 32.69 -14.67 -5.66
CA HIS B 192 32.01 -15.93 -5.89
C HIS B 192 31.87 -16.18 -7.39
N ARG B 193 31.95 -17.45 -7.77
CA ARG B 193 31.94 -17.80 -9.19
C ARG B 193 30.60 -17.44 -9.83
N SER B 194 29.49 -17.71 -9.14
CA SER B 194 28.18 -17.45 -9.71
C SER B 194 27.19 -17.14 -8.61
N TYR B 195 26.10 -16.48 -8.99
CA TYR B 195 24.99 -16.16 -8.09
C TYR B 195 23.69 -16.65 -8.72
N SER B 196 22.75 -17.03 -7.87
CA SER B 196 21.50 -17.64 -8.31
C SER B 196 20.31 -16.92 -7.68
N CYS B 197 19.27 -16.71 -8.48
CA CYS B 197 18.00 -16.18 -8.00
C CYS B 197 16.93 -17.24 -8.22
N GLN B 198 16.54 -17.91 -7.14
CA GLN B 198 15.52 -18.94 -7.18
C GLN B 198 14.20 -18.35 -6.72
N VAL B 199 13.18 -18.42 -7.58
CA VAL B 199 11.84 -17.94 -7.26
C VAL B 199 10.91 -19.14 -7.24
N THR B 200 10.30 -19.39 -6.08
CA THR B 200 9.40 -20.52 -5.90
C THR B 200 7.96 -20.02 -5.91
N HIS B 201 7.14 -20.60 -6.78
CA HIS B 201 5.74 -20.20 -6.93
C HIS B 201 4.86 -21.45 -6.98
N GLU B 202 3.99 -21.59 -5.98
CA GLU B 202 3.09 -22.73 -5.87
C GLU B 202 3.87 -24.05 -5.88
N GLY B 203 4.91 -24.12 -5.06
CA GLY B 203 5.80 -25.26 -5.06
C GLY B 203 6.72 -25.36 -6.25
N SER B 204 6.39 -24.72 -7.38
CA SER B 204 7.28 -24.74 -8.54
C SER B 204 8.35 -23.66 -8.39
N THR B 205 9.61 -24.04 -8.58
CA THR B 205 10.73 -23.15 -8.37
C THR B 205 11.50 -22.96 -9.67
N VAL B 206 11.92 -21.72 -9.92
CA VAL B 206 12.66 -21.37 -11.13
C VAL B 206 13.97 -20.70 -10.71
N GLU B 207 15.07 -21.16 -11.28
CA GLU B 207 16.41 -20.70 -10.92
C GLU B 207 17.04 -19.99 -12.11
N LYS B 208 17.62 -18.82 -11.86
CA LYS B 208 18.41 -18.08 -12.84
C LYS B 208 19.68 -17.59 -12.18
N THR B 209 20.82 -17.80 -12.83
CA THR B 209 22.12 -17.54 -12.24
C THR B 209 22.95 -16.66 -13.16
N VAL B 210 23.89 -15.93 -12.56
CA VAL B 210 24.81 -15.07 -13.28
C VAL B 210 26.22 -15.27 -12.72
N ALA B 211 27.20 -14.91 -13.54
CA ALA B 211 28.59 -15.01 -13.14
C ALA B 211 29.33 -13.72 -13.49
N PRO B 212 30.39 -13.38 -12.74
CA PRO B 212 31.14 -12.16 -13.06
C PRO B 212 31.70 -12.15 -14.46
N THR B 213 32.07 -13.31 -15.02
CA THR B 213 32.54 -13.42 -16.40
C THR B 213 33.56 -12.34 -16.76
C1 GOL C . 29.15 3.93 -28.61
O1 GOL C . 30.23 3.53 -27.80
C2 GOL C . 28.48 2.71 -29.18
O2 GOL C . 27.98 1.92 -28.12
C3 GOL C . 27.36 3.09 -30.13
O3 GOL C . 27.87 3.00 -31.45
H11 GOL C . 29.46 4.49 -29.34
H12 GOL C . 28.51 4.45 -28.11
HO1 GOL C . 29.98 2.85 -27.35
H2 GOL C . 29.15 2.22 -29.68
HO2 GOL C . 27.51 2.42 -27.63
H31 GOL C . 27.05 3.98 -29.93
H32 GOL C . 26.61 2.48 -30.00
HO3 GOL C . 28.36 3.68 -31.59
C1 GOL D . 7.22 -9.90 -21.13
O1 GOL D . 7.56 -10.32 -19.83
C2 GOL D . 5.86 -9.25 -21.09
O2 GOL D . 5.50 -8.83 -22.39
C3 GOL D . 4.87 -10.27 -20.54
O3 GOL D . 3.99 -9.61 -19.64
H11 GOL D . 7.20 -10.64 -21.76
H12 GOL D . 7.87 -9.27 -21.48
HO1 GOL D . 8.35 -10.66 -19.86
H2 GOL D . 5.88 -8.47 -20.51
HO2 GOL D . 4.68 -8.65 -22.39
H31 GOL D . 5.36 -10.97 -20.10
H32 GOL D . 4.38 -10.66 -21.28
HO3 GOL D . 4.30 -9.70 -18.85
C1 GOL E . 5.74 2.70 -3.85
O1 GOL E . 6.47 1.99 -2.86
C2 GOL E . 4.45 3.21 -3.24
O2 GOL E . 3.72 3.94 -4.21
C3 GOL E . 3.64 2.02 -2.74
O3 GOL E . 2.33 2.45 -2.43
H11 GOL E . 5.53 2.13 -4.61
H12 GOL E . 6.24 3.45 -4.19
HO1 GOL E . 7.18 1.69 -3.23
H2 GOL E . 4.67 3.79 -2.50
HO2 GOL E . 3.47 3.40 -4.81
H31 GOL E . 4.08 1.64 -1.97
H32 GOL E . 3.63 1.33 -3.43
HO3 GOL E . 2.03 2.92 -3.07
#